data_3V6Y
#
_entry.id   3V6Y
#
_cell.length_a   99.797
_cell.length_b   99.797
_cell.length_c   105.598
_cell.angle_alpha   90.00
_cell.angle_beta   90.00
_cell.angle_gamma   120.00
#
_symmetry.space_group_name_H-M   'P 61'
#
loop_
_entity.id
_entity.type
_entity.pdbx_description
1 polymer 'Fem-3 mRNA-binding factor 2'
2 polymer "RNA (5'-R(*UP*AP*CP*UP*GP*UP*GP*CP*CP*AP*UP*AP*C)-3')"
3 water water
#
loop_
_entity_poly.entity_id
_entity_poly.type
_entity_poly.pdbx_seq_one_letter_code
_entity_poly.pdbx_strand_id
1 'polypeptide(L)'
;GSNNVLPTWSLDSNGEMRSRLSLSEVLDSGDLMKFAVDKTGCQFLEKAVKGSLTSYQKFQLFEQVIGRKDDFLKLSTNIF
GNYLVQSVIGISLATNDDGYTKRQEKLKNFISSQMTDMCLDKFACRVIQSSLQNMDLSLACKLVQALPRDARLIAICVDQ
NANHVIQKVVAVIPLKNWEFIVDFVATPEHLRQICSDKYGCRVVQTIIEKLTADSMNVDLTSAAQNLRERALQRLMTSVT
NRCQELATNEYANYIIQHIVSNDDLAVYRECIIEKCLMRNLLSLSQEKFASHVVEKAFLHAPLELLAEMMDEIFDGYIPH
PDTGKDALDIMMFHQFGNYVVQCMLTICCDAVSGRRQTKEGGYDHAISFQDWLKKLHSRVTKERHRLSRFSSGKKMIETL
ANLRSTHPIYELQ
;
A
2 'polyribonucleotide' UACUGUGCCAUAC B
#
loop_
_chem_comp.id
_chem_comp.type
_chem_comp.name
_chem_comp.formula
A RNA linking ADENOSINE-5'-MONOPHOSPHATE 'C10 H14 N5 O7 P'
C RNA linking CYTIDINE-5'-MONOPHOSPHATE 'C9 H14 N3 O8 P'
G RNA linking GUANOSINE-5'-MONOPHOSPHATE 'C10 H14 N5 O8 P'
U RNA linking URIDINE-5'-MONOPHOSPHATE 'C9 H13 N2 O9 P'
#
# COMPACT_ATOMS: atom_id res chain seq x y z
N VAL A 5 14.95 31.01 22.02
CA VAL A 5 16.11 30.36 21.41
C VAL A 5 16.95 29.55 22.43
N LEU A 6 18.22 29.35 22.14
CA LEU A 6 19.09 28.47 22.95
C LEU A 6 19.68 29.16 24.18
N PRO A 7 19.52 28.54 25.37
CA PRO A 7 19.92 29.16 26.64
C PRO A 7 21.20 29.98 26.53
N THR A 8 21.20 31.15 27.17
CA THR A 8 22.33 32.08 27.12
C THR A 8 23.63 31.39 27.50
N TRP A 9 23.57 30.53 28.51
CA TRP A 9 24.78 29.93 29.05
C TRP A 9 25.54 29.13 28.00
N SER A 10 24.83 28.65 26.98
CA SER A 10 25.43 27.72 26.01
C SER A 10 26.13 28.39 24.82
N LEU A 11 26.04 29.72 24.74
CA LEU A 11 26.45 30.42 23.52
C LEU A 11 27.73 31.24 23.58
N ASP A 12 28.19 31.63 22.40
CA ASP A 12 29.33 32.54 22.23
C ASP A 12 28.91 33.96 22.46
N SER A 13 29.89 34.85 22.38
CA SER A 13 29.65 36.27 22.24
C SER A 13 28.93 36.47 20.90
N ASN A 14 29.20 35.56 19.97
CA ASN A 14 28.57 35.59 18.65
C ASN A 14 27.31 34.74 18.59
N GLY A 15 26.91 34.21 19.74
CA GLY A 15 25.70 33.41 19.83
C GLY A 15 25.80 32.07 19.11
N GLU A 16 27.00 31.50 19.09
CA GLU A 16 27.18 30.16 18.55
C GLU A 16 27.32 29.18 19.68
N MET A 17 26.84 27.97 19.48
CA MET A 17 27.04 26.93 20.48
C MET A 17 28.53 26.76 20.74
N ARG A 18 28.94 27.04 21.97
CA ARG A 18 30.34 26.86 22.32
C ARG A 18 30.78 25.44 22.02
N SER A 19 31.69 25.28 21.05
CA SER A 19 32.40 24.01 20.93
C SER A 19 32.99 23.75 22.30
N ARG A 20 33.07 22.48 22.69
CA ARG A 20 33.40 22.11 24.07
C ARG A 20 32.15 22.11 24.92
N LEU A 21 31.01 22.30 24.27
CA LEU A 21 29.71 22.10 24.90
C LEU A 21 29.50 20.60 25.03
N SER A 22 29.15 20.14 26.24
CA SER A 22 29.04 18.71 26.49
C SER A 22 27.59 18.25 26.63
N LEU A 23 27.37 16.95 26.41
CA LEU A 23 26.07 16.34 26.64
C LEU A 23 25.65 16.52 28.09
N SER A 24 26.59 16.29 29.01
CA SER A 24 26.32 16.41 30.45
C SER A 24 25.91 17.83 30.81
N GLU A 25 26.57 18.83 30.22
CA GLU A 25 26.16 20.21 30.45
C GLU A 25 24.67 20.35 30.13
N VAL A 26 24.26 19.93 28.95
CA VAL A 26 22.87 20.03 28.58
C VAL A 26 21.95 19.27 29.55
N LEU A 27 22.35 18.05 29.90
CA LEU A 27 21.51 17.22 30.76
C LEU A 27 21.35 17.81 32.15
N ASP A 28 22.42 18.40 32.68
CA ASP A 28 22.38 18.98 34.02
C ASP A 28 21.52 20.25 34.10
N SER A 29 21.56 21.06 33.05
CA SER A 29 20.94 22.38 33.04
C SER A 29 19.42 22.38 33.18
N GLY A 30 18.79 21.26 32.86
CA GLY A 30 17.33 21.23 32.76
C GLY A 30 16.81 21.83 31.46
N ASP A 31 17.71 22.28 30.58
CA ASP A 31 17.30 22.89 29.32
C ASP A 31 17.31 22.00 28.07
N LEU A 32 17.39 20.69 28.25
CA LEU A 32 17.43 19.78 27.11
C LEU A 32 16.26 20.04 26.15
N MET A 33 15.08 20.29 26.71
CA MET A 33 13.89 20.54 25.88
C MET A 33 14.09 21.69 24.89
N LYS A 34 14.82 22.73 25.29
CA LYS A 34 15.09 23.86 24.40
C LYS A 34 15.97 23.48 23.21
N PHE A 35 17.01 22.69 23.44
CA PHE A 35 17.90 22.25 22.36
C PHE A 35 17.18 21.29 21.43
N ALA A 36 16.39 20.39 22.02
CA ALA A 36 15.74 19.31 21.27
C ALA A 36 14.69 19.80 20.25
N VAL A 37 14.15 21.00 20.46
CA VAL A 37 13.21 21.60 19.50
C VAL A 37 13.88 22.70 18.67
N ASP A 38 15.20 22.79 18.73
CA ASP A 38 15.93 23.73 17.89
C ASP A 38 16.72 22.94 16.85
N LYS A 39 16.71 23.42 15.61
CA LYS A 39 17.31 22.67 14.53
C LYS A 39 18.79 22.41 14.78
N THR A 40 19.49 23.45 15.24
CA THR A 40 20.94 23.40 15.42
C THR A 40 21.29 22.58 16.65
N GLY A 41 20.64 22.88 17.77
CA GLY A 41 20.82 22.12 18.99
C GLY A 41 20.45 20.65 18.91
N CYS A 42 19.44 20.31 18.12
CA CYS A 42 18.99 18.94 18.00
C CYS A 42 20.08 18.10 17.32
N GLN A 43 20.65 18.68 16.26
CA GLN A 43 21.74 18.05 15.50
C GLN A 43 22.94 17.80 16.43
N PHE A 44 23.24 18.78 17.29
CA PHE A 44 24.27 18.60 18.32
C PHE A 44 23.96 17.38 19.17
N LEU A 45 22.73 17.34 19.70
CA LEU A 45 22.29 16.26 20.57
C LEU A 45 22.37 14.89 19.90
N GLU A 46 21.91 14.80 18.66
CA GLU A 46 21.92 13.51 17.96
C GLU A 46 23.34 13.02 17.74
N LYS A 47 24.26 13.96 17.52
CA LYS A 47 25.67 13.61 17.45
C LYS A 47 26.18 13.21 18.82
N ALA A 48 25.80 13.97 19.84
CA ALA A 48 26.25 13.69 21.20
C ALA A 48 25.79 12.31 21.69
N VAL A 49 24.53 11.96 21.45
CA VAL A 49 23.99 10.74 22.02
C VAL A 49 24.44 9.50 21.27
N LYS A 50 25.08 9.71 20.12
CA LYS A 50 25.67 8.58 19.39
C LYS A 50 27.05 8.21 19.91
N GLY A 51 27.66 9.10 20.69
CA GLY A 51 28.92 8.79 21.32
C GLY A 51 28.84 7.74 22.43
N SER A 52 29.99 7.49 23.05
CA SER A 52 30.10 6.63 24.21
C SER A 52 29.54 7.32 25.45
N LEU A 53 28.37 6.87 25.90
CA LEU A 53 27.67 7.45 27.03
C LEU A 53 27.96 6.65 28.28
N THR A 54 28.15 7.35 29.40
CA THR A 54 28.31 6.67 30.68
C THR A 54 26.97 6.15 31.15
N SER A 55 26.99 5.33 32.19
CA SER A 55 25.75 4.81 32.73
C SER A 55 24.79 5.94 33.16
N TYR A 56 25.34 7.00 33.75
CA TYR A 56 24.52 8.07 34.30
C TYR A 56 24.03 9.05 33.25
N GLN A 57 24.83 9.31 32.23
CA GLN A 57 24.34 10.03 31.06
C GLN A 57 23.08 9.36 30.48
N LYS A 58 23.12 8.03 30.34
CA LYS A 58 21.95 7.30 29.87
C LYS A 58 20.77 7.46 30.80
N PHE A 59 21.04 7.37 32.10
CA PHE A 59 20.02 7.56 33.11
C PHE A 59 19.27 8.86 32.87
N GLN A 60 20.01 9.96 32.77
CA GLN A 60 19.45 11.28 32.54
C GLN A 60 18.76 11.33 31.18
N LEU A 61 19.45 10.85 30.15
CA LEU A 61 18.89 10.84 28.78
C LEU A 61 17.53 10.14 28.75
N PHE A 62 17.48 8.91 29.23
CA PHE A 62 16.26 8.14 29.24
C PHE A 62 15.13 8.91 29.96
N GLU A 63 15.42 9.37 31.18
CA GLU A 63 14.45 10.07 31.99
C GLU A 63 13.92 11.36 31.31
N GLN A 64 14.81 12.14 30.70
CA GLN A 64 14.42 13.41 30.13
C GLN A 64 13.72 13.29 28.77
N VAL A 65 14.12 12.32 27.97
CA VAL A 65 13.56 12.16 26.62
C VAL A 65 12.41 11.14 26.51
N ILE A 66 12.52 10.01 27.19
CA ILE A 66 11.42 9.03 27.15
C ILE A 66 10.87 8.67 28.52
N GLY A 67 11.16 9.49 29.54
CA GLY A 67 10.72 9.22 30.92
C GLY A 67 9.62 10.12 31.47
N ARG A 68 9.35 11.23 30.78
CA ARG A 68 8.28 12.16 31.18
C ARG A 68 7.26 12.25 30.05
N LYS A 69 6.01 11.90 30.34
CA LYS A 69 4.99 11.78 29.30
C LYS A 69 4.86 13.02 28.41
N ASP A 70 4.75 14.20 29.04
CA ASP A 70 4.47 15.40 28.25
C ASP A 70 5.63 15.83 27.37
N ASP A 71 6.85 15.81 27.92
CA ASP A 71 8.03 16.08 27.14
C ASP A 71 8.18 15.04 26.04
N PHE A 72 7.85 13.78 26.33
CA PHE A 72 7.96 12.73 25.35
C PHE A 72 7.06 13.03 24.15
N LEU A 73 5.82 13.42 24.43
CA LEU A 73 4.88 13.68 23.35
C LEU A 73 5.27 14.96 22.60
N LYS A 74 5.69 15.97 23.37
CA LYS A 74 6.11 17.22 22.76
C LYS A 74 7.24 17.01 21.76
N LEU A 75 8.23 16.20 22.16
CA LEU A 75 9.36 15.91 21.28
C LEU A 75 8.97 14.98 20.13
N SER A 76 8.07 14.05 20.39
CA SER A 76 7.66 13.09 19.36
C SER A 76 6.86 13.80 18.27
N THR A 77 6.11 14.83 18.67
CA THR A 77 5.29 15.60 17.75
C THR A 77 6.06 16.81 17.21
N ASN A 78 7.35 16.85 17.48
CA ASN A 78 8.17 17.95 17.00
C ASN A 78 8.97 17.57 15.77
N ILE A 79 9.16 18.57 14.91
CA ILE A 79 9.78 18.41 13.61
C ILE A 79 11.25 18.04 13.70
N PHE A 80 11.94 18.55 14.70
CA PHE A 80 13.32 18.11 14.95
C PHE A 80 13.38 17.02 16.02
N GLY A 81 12.67 17.23 17.12
CA GLY A 81 12.80 16.37 18.28
C GLY A 81 12.45 14.91 18.04
N ASN A 82 11.65 14.64 17.00
CA ASN A 82 11.21 13.28 16.75
C ASN A 82 12.41 12.38 16.46
N TYR A 83 13.38 12.94 15.73
CA TYR A 83 14.63 12.24 15.45
C TYR A 83 15.39 11.88 16.74
N LEU A 84 15.48 12.83 17.66
CA LEU A 84 16.14 12.54 18.93
C LEU A 84 15.41 11.43 19.68
N VAL A 85 14.08 11.50 19.70
CA VAL A 85 13.28 10.49 20.39
C VAL A 85 13.53 9.08 19.85
N GLN A 86 13.48 8.92 18.53
CA GLN A 86 13.74 7.62 17.92
C GLN A 86 15.15 7.12 18.25
N SER A 87 16.09 8.06 18.24
CA SER A 87 17.47 7.77 18.56
C SER A 87 17.61 7.27 20.02
N VAL A 88 16.95 7.95 20.95
CA VAL A 88 17.01 7.54 22.37
C VAL A 88 16.32 6.20 22.59
N ILE A 89 15.20 5.99 21.91
CA ILE A 89 14.49 4.71 21.95
C ILE A 89 15.38 3.55 21.54
N GLY A 90 16.19 3.76 20.51
CA GLY A 90 17.10 2.75 20.04
C GLY A 90 18.17 2.45 21.07
N ILE A 91 18.65 3.50 21.74
CA ILE A 91 19.73 3.32 22.69
C ILE A 91 19.16 2.57 23.87
N SER A 92 17.93 2.92 24.18
CA SER A 92 17.20 2.28 25.26
C SER A 92 17.05 0.78 24.99
N LEU A 93 16.89 0.42 23.72
CA LEU A 93 16.68 -0.98 23.34
C LEU A 93 18.00 -1.74 23.24
N ALA A 94 19.09 -1.00 23.09
CA ALA A 94 20.43 -1.58 23.02
C ALA A 94 21.11 -1.61 24.38
N THR A 95 20.40 -1.18 25.41
CA THR A 95 21.00 -1.04 26.74
C THR A 95 20.38 -2.05 27.68
N ASN A 96 21.03 -3.21 27.77
CA ASN A 96 20.56 -4.33 28.56
C ASN A 96 20.91 -4.22 30.04
N ASP A 97 20.59 -3.07 30.66
CA ASP A 97 20.80 -2.88 32.10
C ASP A 97 19.56 -3.33 32.87
N ASP A 98 19.51 -2.98 34.15
CA ASP A 98 18.46 -3.49 35.04
C ASP A 98 17.09 -2.92 34.68
N GLY A 99 17.03 -1.60 34.53
CA GLY A 99 15.78 -0.93 34.27
C GLY A 99 15.23 -1.14 32.89
N TYR A 100 15.88 -1.99 32.11
CA TYR A 100 15.47 -2.24 30.72
C TYR A 100 13.98 -2.51 30.61
N THR A 101 13.46 -3.36 31.49
CA THR A 101 12.07 -3.76 31.41
C THR A 101 11.13 -2.60 31.73
N LYS A 102 11.31 -2.00 32.89
CA LYS A 102 10.48 -0.86 33.30
C LYS A 102 10.46 0.25 32.23
N ARG A 103 11.64 0.60 31.73
CA ARG A 103 11.78 1.62 30.68
C ARG A 103 10.89 1.35 29.46
N GLN A 104 10.92 0.12 28.97
CA GLN A 104 10.22 -0.16 27.73
C GLN A 104 8.71 -0.16 27.98
N GLU A 105 8.32 -0.61 29.17
CA GLU A 105 6.91 -0.71 29.55
C GLU A 105 6.30 0.68 29.60
N LYS A 106 7.01 1.58 30.27
CA LYS A 106 6.64 2.99 30.32
C LYS A 106 6.48 3.53 28.89
N LEU A 107 7.56 3.47 28.12
CA LEU A 107 7.53 3.96 26.74
C LEU A 107 6.27 3.48 26.04
N LYS A 108 6.08 2.15 26.06
CA LYS A 108 4.88 1.53 25.51
C LYS A 108 3.59 2.17 26.06
N ASN A 109 3.56 2.47 27.36
CA ASN A 109 2.34 3.04 27.93
C ASN A 109 2.11 4.49 27.51
N PHE A 110 3.17 5.29 27.47
CA PHE A 110 3.08 6.67 26.96
C PHE A 110 2.46 6.65 25.57
N ILE A 111 3.05 5.85 24.70
CA ILE A 111 2.61 5.72 23.32
C ILE A 111 1.16 5.24 23.19
N SER A 112 0.86 4.11 23.86
CA SER A 112 -0.50 3.56 23.85
C SER A 112 -1.54 4.64 24.20
N SER A 113 -1.27 5.38 25.27
CA SER A 113 -2.27 6.34 25.77
C SER A 113 -2.59 7.40 24.72
N GLN A 114 -1.70 7.57 23.75
CA GLN A 114 -1.87 8.59 22.73
C GLN A 114 -1.79 8.02 21.31
N MET A 115 -2.02 6.71 21.17
CA MET A 115 -1.83 6.03 19.90
C MET A 115 -2.40 6.80 18.69
N THR A 116 -3.70 7.01 18.67
CA THR A 116 -4.34 7.69 17.54
C THR A 116 -3.64 9.00 17.16
N ASP A 117 -3.53 9.89 18.14
CA ASP A 117 -2.96 11.21 17.95
C ASP A 117 -1.56 11.13 17.38
N MET A 118 -0.73 10.28 17.97
CA MET A 118 0.62 10.06 17.49
C MET A 118 0.64 9.48 16.07
N CYS A 119 -0.24 8.51 15.81
CA CYS A 119 -0.35 7.97 14.46
C CYS A 119 -0.70 9.04 13.42
N LEU A 120 -1.58 9.97 13.81
CA LEU A 120 -2.09 10.97 12.86
C LEU A 120 -1.11 12.12 12.66
N ASP A 121 -0.09 12.16 13.52
CA ASP A 121 0.86 13.27 13.50
C ASP A 121 2.03 13.01 12.55
N LYS A 122 2.31 14.01 11.73
CA LYS A 122 3.36 13.93 10.72
C LYS A 122 4.69 13.42 11.28
N PHE A 123 5.03 13.86 12.49
CA PHE A 123 6.30 13.48 13.10
C PHE A 123 6.22 12.31 14.10
N ALA A 124 5.14 12.23 14.88
CA ALA A 124 5.05 11.15 15.86
C ALA A 124 4.74 9.83 15.19
N CYS A 125 4.16 9.88 13.98
CA CYS A 125 3.93 8.64 13.23
C CYS A 125 5.27 7.97 12.94
N ARG A 126 6.33 8.78 12.86
CA ARG A 126 7.67 8.27 12.61
C ARG A 126 8.20 7.56 13.85
N VAL A 127 7.81 8.07 15.03
CA VAL A 127 8.20 7.45 16.30
C VAL A 127 7.49 6.13 16.43
N ILE A 128 6.20 6.15 16.08
CA ILE A 128 5.40 4.93 16.06
C ILE A 128 6.04 3.86 15.17
N GLN A 129 6.34 4.24 13.94
CA GLN A 129 6.89 3.35 12.95
C GLN A 129 8.23 2.71 13.39
N SER A 130 9.19 3.54 13.80
CA SER A 130 10.45 3.01 14.30
C SER A 130 10.29 2.15 15.58
N SER A 131 9.28 2.46 16.41
CA SER A 131 9.06 1.68 17.63
C SER A 131 8.51 0.30 17.31
N LEU A 132 7.60 0.24 16.34
CA LEU A 132 7.02 -1.01 15.89
C LEU A 132 8.09 -1.92 15.30
N GLN A 133 9.05 -1.28 14.64
CA GLN A 133 10.09 -2.02 13.97
C GLN A 133 11.18 -2.50 14.94
N ASN A 134 11.47 -1.70 15.97
CA ASN A 134 12.64 -1.93 16.81
C ASN A 134 12.37 -2.53 18.21
N MET A 135 11.17 -2.34 18.75
CA MET A 135 10.84 -2.90 20.07
C MET A 135 10.78 -4.41 19.99
N ASP A 136 10.95 -5.08 21.12
CA ASP A 136 10.68 -6.51 21.18
C ASP A 136 9.26 -6.69 20.65
N LEU A 137 9.06 -7.79 19.91
CA LEU A 137 7.77 -8.09 19.32
C LEU A 137 6.61 -7.99 20.30
N SER A 138 6.81 -8.53 21.49
CA SER A 138 5.73 -8.60 22.49
C SER A 138 5.20 -7.22 22.83
N LEU A 139 6.13 -6.27 22.96
CA LEU A 139 5.79 -4.87 23.22
C LEU A 139 5.13 -4.25 22.00
N ALA A 140 5.75 -4.47 20.85
CA ALA A 140 5.26 -3.93 19.59
C ALA A 140 3.82 -4.36 19.36
N CYS A 141 3.52 -5.64 19.58
CA CYS A 141 2.13 -6.10 19.53
C CYS A 141 1.22 -5.31 20.49
N LYS A 142 1.76 -4.84 21.60
CA LYS A 142 0.94 -4.03 22.50
C LYS A 142 0.64 -2.63 21.95
N LEU A 143 1.52 -2.09 21.13
CA LEU A 143 1.22 -0.83 20.45
C LEU A 143 0.09 -1.03 19.45
N VAL A 144 0.14 -2.17 18.77
CA VAL A 144 -0.88 -2.53 17.80
C VAL A 144 -2.22 -2.64 18.49
N GLN A 145 -2.23 -3.22 19.70
CA GLN A 145 -3.47 -3.36 20.45
C GLN A 145 -4.05 -2.03 20.92
N ALA A 146 -3.21 -0.99 20.96
CA ALA A 146 -3.67 0.35 21.33
C ALA A 146 -4.40 1.12 20.22
N LEU A 147 -4.46 0.54 19.03
CA LEU A 147 -5.16 1.19 17.91
C LEU A 147 -6.66 1.25 18.15
N PRO A 148 -7.29 2.37 17.78
CA PRO A 148 -8.75 2.47 17.96
C PRO A 148 -9.44 1.41 17.13
N ARG A 149 -10.66 1.06 17.50
CA ARG A 149 -11.42 0.07 16.76
C ARG A 149 -12.69 0.73 16.25
N ASP A 150 -12.69 2.06 16.28
CA ASP A 150 -13.87 2.82 15.84
C ASP A 150 -13.60 3.67 14.59
N ALA A 151 -14.40 4.71 14.41
CA ALA A 151 -14.26 5.60 13.25
C ALA A 151 -12.84 6.14 13.07
N ARG A 152 -12.10 6.19 14.18
CA ARG A 152 -10.74 6.70 14.18
C ARG A 152 -9.77 5.81 13.40
N LEU A 153 -10.06 4.51 13.38
CA LEU A 153 -9.26 3.59 12.57
C LEU A 153 -9.40 3.87 11.08
N ILE A 154 -10.57 4.31 10.66
CA ILE A 154 -10.76 4.70 9.27
C ILE A 154 -9.87 5.90 8.99
N ALA A 155 -9.98 6.88 9.89
CA ALA A 155 -9.26 8.14 9.76
C ALA A 155 -7.77 7.90 9.59
N ILE A 156 -7.28 6.85 10.26
CA ILE A 156 -5.88 6.47 10.21
C ILE A 156 -5.53 5.81 8.88
N CYS A 157 -6.34 4.84 8.48
CA CYS A 157 -6.15 4.20 7.19
C CYS A 157 -6.12 5.19 6.02
N VAL A 158 -6.81 6.32 6.18
CA VAL A 158 -6.87 7.28 5.07
C VAL A 158 -6.06 8.55 5.31
N ASP A 159 -5.36 8.62 6.43
CA ASP A 159 -4.50 9.76 6.70
C ASP A 159 -3.16 9.67 5.95
N GLN A 160 -2.67 10.82 5.50
CA GLN A 160 -1.42 10.87 4.75
C GLN A 160 -0.23 10.38 5.59
N ASN A 161 -0.29 10.63 6.88
CA ASN A 161 0.74 10.15 7.79
C ASN A 161 0.46 8.73 8.25
N ALA A 162 -0.69 8.56 8.88
CA ALA A 162 -1.01 7.35 9.61
C ALA A 162 -1.12 6.11 8.73
N ASN A 163 -1.33 6.27 7.42
CA ASN A 163 -1.43 5.09 6.57
C ASN A 163 -0.15 4.28 6.64
N HIS A 164 0.96 4.95 6.91
CA HIS A 164 2.23 4.25 6.96
C HIS A 164 2.36 3.39 8.23
N VAL A 165 1.80 3.87 9.33
CA VAL A 165 1.74 3.06 10.53
C VAL A 165 1.10 1.72 10.17
N ILE A 166 -0.06 1.78 9.52
CA ILE A 166 -0.79 0.55 9.23
C ILE A 166 0.02 -0.35 8.31
N GLN A 167 0.70 0.25 7.33
CA GLN A 167 1.57 -0.48 6.43
C GLN A 167 2.77 -1.09 7.18
N LYS A 168 3.33 -0.32 8.11
CA LYS A 168 4.42 -0.84 8.92
C LYS A 168 3.94 -2.08 9.70
N VAL A 169 2.75 -2.00 10.29
CA VAL A 169 2.18 -3.08 11.06
C VAL A 169 2.03 -4.37 10.23
N VAL A 170 1.56 -4.22 9.00
CA VAL A 170 1.46 -5.33 8.06
C VAL A 170 2.84 -5.92 7.71
N ALA A 171 3.89 -5.09 7.66
CA ALA A 171 5.22 -5.61 7.33
C ALA A 171 5.94 -6.35 8.47
N VAL A 172 5.74 -5.92 9.72
CA VAL A 172 6.58 -6.42 10.81
C VAL A 172 5.85 -7.06 12.01
N ILE A 173 4.53 -7.06 11.99
CA ILE A 173 3.77 -7.67 13.06
C ILE A 173 3.12 -8.96 12.53
N PRO A 174 3.15 -10.03 13.32
CA PRO A 174 2.44 -11.26 12.93
C PRO A 174 0.95 -11.02 12.67
N LEU A 175 0.41 -11.67 11.64
CA LEU A 175 -1.02 -11.59 11.32
C LEU A 175 -1.96 -11.78 12.51
N LYS A 176 -1.65 -12.72 13.39
CA LYS A 176 -2.54 -12.99 14.53
C LYS A 176 -2.87 -11.68 15.25
N ASN A 177 -1.85 -10.84 15.40
CA ASN A 177 -2.00 -9.58 16.10
C ASN A 177 -2.74 -8.45 15.36
N TRP A 178 -2.88 -8.56 14.05
CA TRP A 178 -3.63 -7.50 13.37
C TRP A 178 -4.79 -8.03 12.55
N GLU A 179 -5.11 -9.30 12.76
CA GLU A 179 -6.25 -9.89 12.08
C GLU A 179 -7.45 -8.95 12.12
N PHE A 180 -7.64 -8.27 13.26
CA PHE A 180 -8.80 -7.38 13.43
C PHE A 180 -8.85 -6.23 12.41
N ILE A 181 -7.68 -5.76 11.99
CA ILE A 181 -7.66 -4.71 10.97
C ILE A 181 -8.24 -5.23 9.65
N VAL A 182 -7.92 -6.48 9.33
CA VAL A 182 -8.50 -7.13 8.16
C VAL A 182 -10.02 -7.12 8.23
N ASP A 183 -10.56 -7.58 9.35
CA ASP A 183 -12.00 -7.68 9.47
C ASP A 183 -12.64 -6.30 9.56
N PHE A 184 -11.90 -5.34 10.09
CA PHE A 184 -12.37 -3.96 10.13
C PHE A 184 -12.52 -3.45 8.70
N VAL A 185 -11.53 -3.76 7.88
CA VAL A 185 -11.48 -3.24 6.53
C VAL A 185 -12.53 -3.92 5.63
N ALA A 186 -12.76 -5.21 5.86
CA ALA A 186 -13.74 -5.97 5.09
C ALA A 186 -15.19 -5.58 5.42
N THR A 187 -15.38 -4.75 6.44
CA THR A 187 -16.71 -4.19 6.67
C THR A 187 -17.15 -3.39 5.44
N PRO A 188 -18.31 -3.77 4.86
CA PRO A 188 -18.84 -3.16 3.64
C PRO A 188 -18.68 -1.65 3.62
N GLU A 189 -19.08 -1.02 4.72
CA GLU A 189 -18.98 0.43 4.83
C GLU A 189 -17.52 0.91 4.95
N HIS A 190 -16.70 0.13 5.63
CA HIS A 190 -15.29 0.49 5.80
C HIS A 190 -14.54 0.24 4.50
N LEU A 191 -14.81 -0.92 3.90
CA LEU A 191 -14.25 -1.26 2.61
C LEU A 191 -14.57 -0.13 1.63
N ARG A 192 -15.84 0.24 1.57
CA ARG A 192 -16.25 1.33 0.71
C ARG A 192 -15.42 2.58 1.00
N GLN A 193 -15.47 3.08 2.22
CA GLN A 193 -14.77 4.32 2.54
C GLN A 193 -13.28 4.23 2.21
N ILE A 194 -12.65 3.14 2.61
CA ILE A 194 -11.19 3.06 2.58
C ILE A 194 -10.62 2.83 1.19
N CYS A 195 -11.28 2.00 0.39
CA CYS A 195 -10.81 1.72 -0.96
C CYS A 195 -10.97 2.93 -1.88
N SER A 196 -11.82 3.87 -1.48
CA SER A 196 -12.13 5.06 -2.27
C SER A 196 -11.22 6.23 -1.96
N ASP A 197 -10.22 6.00 -1.12
CA ASP A 197 -9.30 7.07 -0.71
C ASP A 197 -7.94 6.85 -1.36
N LYS A 198 -7.24 7.93 -1.68
CA LYS A 198 -5.92 7.82 -2.31
C LYS A 198 -4.86 7.17 -1.40
N TYR A 199 -5.02 7.29 -0.08
CA TYR A 199 -4.11 6.57 0.81
C TYR A 199 -4.68 5.20 1.18
N GLY A 200 -5.98 5.16 1.43
CA GLY A 200 -6.66 3.93 1.77
C GLY A 200 -6.44 2.79 0.78
N CYS A 201 -6.35 3.11 -0.52
CA CYS A 201 -6.30 2.05 -1.53
C CYS A 201 -4.92 1.38 -1.56
N ARG A 202 -3.87 2.16 -1.32
CA ARG A 202 -2.55 1.59 -1.17
C ARG A 202 -2.53 0.68 0.07
N VAL A 203 -3.09 1.19 1.16
CA VAL A 203 -3.18 0.42 2.38
C VAL A 203 -3.84 -0.94 2.12
N VAL A 204 -4.99 -0.91 1.45
CA VAL A 204 -5.73 -2.15 1.16
C VAL A 204 -4.96 -3.09 0.23
N GLN A 205 -4.22 -2.54 -0.73
CA GLN A 205 -3.38 -3.39 -1.58
C GLN A 205 -2.29 -4.06 -0.75
N THR A 206 -1.65 -3.31 0.13
CA THR A 206 -0.59 -3.83 0.98
C THR A 206 -1.04 -5.00 1.86
N ILE A 207 -2.25 -4.90 2.42
CA ILE A 207 -2.84 -6.01 3.18
C ILE A 207 -3.06 -7.23 2.27
N ILE A 208 -3.70 -7.01 1.13
CA ILE A 208 -3.93 -8.08 0.19
C ILE A 208 -2.62 -8.77 -0.16
N GLU A 209 -1.60 -7.99 -0.45
CA GLU A 209 -0.28 -8.56 -0.76
C GLU A 209 0.25 -9.42 0.38
N LYS A 210 0.16 -8.91 1.60
CA LYS A 210 0.63 -9.65 2.75
C LYS A 210 -0.19 -10.94 2.93
N LEU A 211 -1.46 -10.88 2.55
CA LEU A 211 -2.38 -12.00 2.69
C LEU A 211 -2.30 -13.02 1.56
N THR A 212 -1.39 -12.80 0.62
CA THR A 212 -1.32 -13.61 -0.58
C THR A 212 -0.29 -14.72 -0.44
N ALA A 213 -0.69 -15.95 -0.76
CA ALA A 213 0.28 -17.03 -0.79
C ALA A 213 1.22 -16.91 -2.00
N ASP A 214 2.07 -15.88 -1.99
CA ASP A 214 3.07 -15.73 -3.02
C ASP A 214 4.41 -16.22 -2.51
N SER A 215 5.46 -15.98 -3.29
CA SER A 215 6.78 -16.51 -2.96
C SER A 215 7.41 -15.79 -1.77
N MET A 216 6.77 -14.75 -1.27
CA MET A 216 7.31 -14.08 -0.08
C MET A 216 6.72 -14.62 1.23
N ASN A 217 5.78 -15.54 1.12
CA ASN A 217 5.19 -16.19 2.28
C ASN A 217 5.54 -17.68 2.36
N VAL A 218 6.56 -18.13 1.63
CA VAL A 218 6.94 -19.55 1.66
C VAL A 218 7.49 -20.01 3.03
N ASP A 219 7.96 -19.04 3.82
CA ASP A 219 8.46 -19.36 5.15
C ASP A 219 7.34 -19.68 6.15
N LEU A 220 6.09 -19.47 5.76
CA LEU A 220 5.02 -19.73 6.70
C LEU A 220 4.89 -21.24 6.96
N THR A 221 4.67 -21.60 8.22
CA THR A 221 4.21 -22.94 8.58
C THR A 221 2.80 -23.17 8.03
N SER A 222 2.35 -24.42 8.10
CA SER A 222 1.00 -24.77 7.65
C SER A 222 -0.08 -24.02 8.46
N ALA A 223 0.18 -23.84 9.74
CA ALA A 223 -0.71 -23.06 10.59
C ALA A 223 -0.80 -21.63 10.09
N ALA A 224 0.35 -20.98 9.94
CA ALA A 224 0.38 -19.61 9.47
C ALA A 224 -0.33 -19.48 8.10
N GLN A 225 -0.15 -20.47 7.23
CA GLN A 225 -0.79 -20.44 5.92
C GLN A 225 -2.33 -20.51 6.04
N ASN A 226 -2.82 -21.31 6.97
CA ASN A 226 -4.26 -21.44 7.19
C ASN A 226 -4.87 -20.15 7.71
N LEU A 227 -4.22 -19.59 8.72
CA LEU A 227 -4.64 -18.28 9.22
C LEU A 227 -4.65 -17.25 8.06
N ARG A 228 -3.57 -17.22 7.29
CA ARG A 228 -3.51 -16.31 6.15
C ARG A 228 -4.64 -16.56 5.13
N GLU A 229 -4.94 -17.82 4.86
CA GLU A 229 -5.97 -18.13 3.87
C GLU A 229 -7.36 -17.61 4.28
N ARG A 230 -7.74 -17.93 5.51
CA ARG A 230 -9.01 -17.47 6.10
C ARG A 230 -9.18 -15.96 5.99
N ALA A 231 -8.14 -15.22 6.36
CA ALA A 231 -8.23 -13.77 6.38
C ALA A 231 -8.37 -13.24 4.96
N LEU A 232 -7.71 -13.92 4.04
CA LEU A 232 -7.75 -13.53 2.65
C LEU A 232 -9.17 -13.71 2.10
N GLN A 233 -9.80 -14.82 2.45
CA GLN A 233 -11.17 -15.10 1.99
C GLN A 233 -12.19 -14.08 2.53
N ARG A 234 -12.10 -13.77 3.81
CA ARG A 234 -12.96 -12.73 4.37
C ARG A 234 -12.83 -11.41 3.58
N LEU A 235 -11.59 -10.97 3.36
CA LEU A 235 -11.36 -9.74 2.62
C LEU A 235 -11.82 -9.83 1.15
N MET A 236 -11.48 -10.94 0.50
CA MET A 236 -11.87 -11.16 -0.88
C MET A 236 -13.39 -11.24 -1.04
N THR A 237 -14.07 -11.89 -0.11
CA THR A 237 -15.53 -11.91 -0.14
C THR A 237 -16.07 -10.48 -0.17
N SER A 238 -15.72 -9.67 0.83
CA SER A 238 -16.15 -8.28 0.83
C SER A 238 -15.82 -7.56 -0.47
N VAL A 239 -14.62 -7.75 -0.97
CA VAL A 239 -14.18 -7.06 -2.16
C VAL A 239 -14.98 -7.45 -3.40
N THR A 240 -15.27 -8.74 -3.56
CA THR A 240 -16.01 -9.19 -4.72
C THR A 240 -17.48 -8.74 -4.64
N ASN A 241 -18.04 -8.78 -3.43
CA ASN A 241 -19.41 -8.32 -3.21
C ASN A 241 -19.64 -6.88 -3.69
N ARG A 242 -18.56 -6.15 -3.89
CA ARG A 242 -18.68 -4.75 -4.26
C ARG A 242 -17.80 -4.38 -5.46
N CYS A 243 -17.46 -5.36 -6.29
CA CYS A 243 -16.44 -5.13 -7.33
C CYS A 243 -16.81 -4.03 -8.31
N GLN A 244 -18.10 -3.97 -8.65
CA GLN A 244 -18.64 -2.95 -9.54
C GLN A 244 -18.26 -1.56 -9.06
N GLU A 245 -18.67 -1.24 -7.84
CA GLU A 245 -18.32 0.03 -7.24
C GLU A 245 -16.81 0.21 -7.17
N LEU A 246 -16.09 -0.83 -6.75
CA LEU A 246 -14.64 -0.72 -6.64
C LEU A 246 -13.97 -0.55 -8.01
N ALA A 247 -14.35 -1.42 -8.95
CA ALA A 247 -13.77 -1.37 -10.30
C ALA A 247 -13.97 -0.02 -11.02
N THR A 248 -15.08 0.64 -10.72
CA THR A 248 -15.36 1.90 -11.41
C THR A 248 -14.80 3.12 -10.70
N ASN A 249 -14.48 2.99 -9.40
CA ASN A 249 -13.91 4.11 -8.63
C ASN A 249 -12.49 4.53 -9.04
N GLU A 250 -12.19 5.82 -8.84
CA GLU A 250 -10.94 6.42 -9.29
C GLU A 250 -9.69 5.95 -8.54
N TYR A 251 -9.87 5.41 -7.35
CA TYR A 251 -8.73 4.88 -6.57
C TYR A 251 -8.81 3.35 -6.48
N ALA A 252 -10.00 2.85 -6.18
CA ALA A 252 -10.23 1.42 -6.01
C ALA A 252 -9.91 0.57 -7.24
N ASN A 253 -10.01 1.16 -8.43
CA ASN A 253 -9.75 0.41 -9.66
C ASN A 253 -8.34 -0.23 -9.64
N TYR A 254 -7.40 0.41 -8.94
CA TYR A 254 -6.06 -0.14 -8.80
C TYR A 254 -6.01 -1.45 -8.00
N ILE A 255 -6.97 -1.60 -7.08
CA ILE A 255 -7.06 -2.82 -6.30
C ILE A 255 -7.66 -3.95 -7.12
N ILE A 256 -8.78 -3.65 -7.78
CA ILE A 256 -9.38 -4.59 -8.72
C ILE A 256 -8.34 -5.03 -9.76
N GLN A 257 -7.56 -4.07 -10.26
CA GLN A 257 -6.52 -4.39 -11.23
C GLN A 257 -5.46 -5.30 -10.65
N HIS A 258 -4.98 -4.97 -9.45
CA HIS A 258 -3.98 -5.78 -8.81
C HIS A 258 -4.44 -7.22 -8.73
N ILE A 259 -5.70 -7.39 -8.33
CA ILE A 259 -6.23 -8.72 -8.15
C ILE A 259 -6.38 -9.45 -9.47
N VAL A 260 -6.91 -8.76 -10.47
CA VAL A 260 -7.10 -9.38 -11.75
C VAL A 260 -5.75 -9.78 -12.36
N SER A 261 -4.71 -9.00 -12.08
CA SER A 261 -3.39 -9.22 -12.66
C SER A 261 -2.56 -10.31 -11.96
N ASN A 262 -2.99 -10.72 -10.78
CA ASN A 262 -2.17 -11.60 -9.96
C ASN A 262 -2.51 -13.10 -10.06
N ASP A 263 -1.58 -13.90 -10.53
CA ASP A 263 -1.81 -15.35 -10.67
C ASP A 263 -2.00 -16.05 -9.32
N ASP A 264 -1.41 -15.49 -8.27
CA ASP A 264 -1.54 -16.10 -6.95
C ASP A 264 -2.91 -15.81 -6.34
N LEU A 265 -3.73 -15.04 -7.05
CA LEU A 265 -5.12 -14.80 -6.70
C LEU A 265 -6.05 -15.13 -7.87
N ALA A 266 -5.65 -16.09 -8.71
CA ALA A 266 -6.44 -16.53 -9.87
C ALA A 266 -7.95 -16.64 -9.59
N VAL A 267 -8.31 -17.41 -8.56
CA VAL A 267 -9.70 -17.68 -8.25
C VAL A 267 -10.49 -16.37 -8.02
N TYR A 268 -9.84 -15.39 -7.39
CA TYR A 268 -10.49 -14.10 -7.14
C TYR A 268 -10.57 -13.26 -8.41
N ARG A 269 -9.55 -13.39 -9.26
CA ARG A 269 -9.59 -12.82 -10.60
C ARG A 269 -10.86 -13.27 -11.30
N GLU A 270 -11.12 -14.58 -11.26
CA GLU A 270 -12.28 -15.15 -11.93
C GLU A 270 -13.63 -14.70 -11.34
N CYS A 271 -13.72 -14.62 -10.00
CA CYS A 271 -14.95 -14.18 -9.37
C CYS A 271 -15.25 -12.79 -9.86
N ILE A 272 -14.23 -11.94 -9.87
CA ILE A 272 -14.43 -10.55 -10.26
C ILE A 272 -14.92 -10.44 -11.68
N ILE A 273 -14.24 -11.16 -12.56
CA ILE A 273 -14.58 -11.12 -13.97
C ILE A 273 -16.04 -11.52 -14.17
N GLU A 274 -16.48 -12.56 -13.49
CA GLU A 274 -17.86 -13.01 -13.61
C GLU A 274 -18.82 -12.08 -12.87
N LYS A 275 -18.42 -11.67 -11.68
CA LYS A 275 -19.30 -10.90 -10.79
C LYS A 275 -19.74 -9.56 -11.37
N CYS A 276 -18.79 -8.73 -11.81
CA CYS A 276 -19.14 -7.38 -12.24
C CYS A 276 -18.71 -6.99 -13.64
N LEU A 277 -17.77 -7.73 -14.23
CA LEU A 277 -17.26 -7.35 -15.53
C LEU A 277 -18.10 -7.98 -16.66
N MET A 278 -18.21 -9.30 -16.63
CA MET A 278 -18.95 -10.04 -17.66
C MET A 278 -20.36 -9.47 -17.86
N ARG A 279 -20.72 -9.26 -19.11
CA ARG A 279 -22.02 -8.68 -19.45
C ARG A 279 -22.10 -7.18 -19.18
N ASN A 280 -20.95 -6.57 -18.87
CA ASN A 280 -20.87 -5.12 -18.71
C ASN A 280 -19.69 -4.56 -19.47
N LEU A 281 -19.01 -5.43 -20.20
CA LEU A 281 -17.83 -5.02 -20.94
C LEU A 281 -18.04 -3.73 -21.75
N LEU A 282 -19.05 -3.68 -22.60
CA LEU A 282 -19.23 -2.51 -23.46
C LEU A 282 -19.33 -1.25 -22.62
N SER A 283 -20.11 -1.34 -21.56
CA SER A 283 -20.32 -0.22 -20.68
C SER A 283 -19.04 0.19 -19.94
N LEU A 284 -18.39 -0.76 -19.26
CA LEU A 284 -17.16 -0.46 -18.50
C LEU A 284 -16.01 -0.01 -19.37
N SER A 285 -15.99 -0.49 -20.63
CA SER A 285 -14.97 -0.09 -21.59
C SER A 285 -15.01 1.40 -21.92
N GLN A 286 -16.15 2.06 -21.67
CA GLN A 286 -16.30 3.48 -21.99
C GLN A 286 -16.07 4.38 -20.76
N GLU A 287 -15.62 3.77 -19.67
CA GLU A 287 -15.42 4.50 -18.42
C GLU A 287 -13.95 4.84 -18.21
N LYS A 288 -13.70 6.05 -17.71
CA LYS A 288 -12.34 6.53 -17.51
C LYS A 288 -11.50 5.55 -16.70
N PHE A 289 -12.07 5.05 -15.60
CA PHE A 289 -11.31 4.25 -14.64
C PHE A 289 -11.46 2.76 -14.90
N ALA A 290 -12.69 2.29 -15.06
CA ALA A 290 -12.94 0.87 -15.21
C ALA A 290 -12.42 0.34 -16.54
N SER A 291 -12.04 1.23 -17.46
CA SER A 291 -11.54 0.74 -18.73
C SER A 291 -10.18 0.05 -18.54
N HIS A 292 -9.36 0.58 -17.63
CA HIS A 292 -8.07 -0.05 -17.35
C HIS A 292 -8.31 -1.46 -16.78
N VAL A 293 -9.36 -1.58 -15.97
CA VAL A 293 -9.71 -2.88 -15.43
C VAL A 293 -10.07 -3.86 -16.56
N VAL A 294 -10.95 -3.45 -17.46
CA VAL A 294 -11.30 -4.27 -18.61
C VAL A 294 -10.06 -4.77 -19.35
N GLU A 295 -9.12 -3.87 -19.62
CA GLU A 295 -7.85 -4.27 -20.22
C GLU A 295 -7.18 -5.43 -19.45
N LYS A 296 -7.11 -5.31 -18.12
CA LYS A 296 -6.49 -6.34 -17.29
C LYS A 296 -7.24 -7.67 -17.32
N ALA A 297 -8.57 -7.59 -17.34
CA ALA A 297 -9.39 -8.79 -17.46
C ALA A 297 -9.07 -9.52 -18.78
N PHE A 298 -9.06 -8.79 -19.89
CA PHE A 298 -8.72 -9.42 -21.18
C PHE A 298 -7.31 -10.01 -21.13
N LEU A 299 -6.38 -9.24 -20.58
CA LEU A 299 -5.00 -9.67 -20.52
C LEU A 299 -4.78 -10.90 -19.64
N HIS A 300 -5.65 -11.16 -18.66
CA HIS A 300 -5.34 -12.23 -17.69
C HIS A 300 -6.40 -13.31 -17.53
N ALA A 301 -7.53 -13.13 -18.17
CA ALA A 301 -8.59 -14.14 -18.12
C ALA A 301 -8.06 -15.49 -18.62
N PRO A 302 -8.45 -16.58 -17.94
CA PRO A 302 -8.28 -17.96 -18.42
C PRO A 302 -8.98 -18.05 -19.77
N LEU A 303 -8.48 -18.89 -20.67
CA LEU A 303 -8.96 -18.94 -22.05
C LEU A 303 -10.47 -19.13 -22.21
N GLU A 304 -11.07 -19.98 -21.39
CA GLU A 304 -12.52 -20.16 -21.48
C GLU A 304 -13.29 -18.88 -21.14
N LEU A 305 -12.84 -18.15 -20.13
CA LEU A 305 -13.44 -16.85 -19.86
C LEU A 305 -13.16 -15.84 -20.99
N LEU A 306 -11.89 -15.77 -21.39
CA LEU A 306 -11.50 -14.92 -22.50
C LEU A 306 -12.46 -15.10 -23.68
N ALA A 307 -12.82 -16.35 -24.01
CA ALA A 307 -13.70 -16.57 -25.16
C ALA A 307 -15.06 -15.92 -24.93
N GLU A 308 -15.56 -15.99 -23.71
CA GLU A 308 -16.83 -15.36 -23.44
C GLU A 308 -16.75 -13.85 -23.57
N MET A 309 -15.61 -13.28 -23.19
CA MET A 309 -15.45 -11.85 -23.28
C MET A 309 -15.40 -11.40 -24.74
N MET A 310 -14.65 -12.14 -25.53
CA MET A 310 -14.52 -11.81 -26.94
C MET A 310 -15.89 -11.82 -27.61
N ASP A 311 -16.62 -12.91 -27.42
CA ASP A 311 -17.95 -13.06 -28.01
C ASP A 311 -18.87 -11.97 -27.54
N GLU A 312 -18.78 -11.60 -26.28
CA GLU A 312 -19.55 -10.49 -25.76
C GLU A 312 -19.38 -9.24 -26.62
N ILE A 313 -18.14 -8.90 -26.94
CA ILE A 313 -17.88 -7.72 -27.75
C ILE A 313 -18.33 -7.89 -29.21
N PHE A 314 -18.04 -9.04 -29.80
CA PHE A 314 -18.29 -9.23 -31.23
C PHE A 314 -19.76 -9.47 -31.55
N ASP A 315 -20.44 -10.17 -30.65
CA ASP A 315 -21.81 -10.60 -30.89
C ASP A 315 -22.65 -10.64 -29.61
N GLY A 316 -22.36 -9.72 -28.70
CA GLY A 316 -23.20 -9.55 -27.51
C GLY A 316 -24.08 -8.34 -27.74
N TYR A 317 -25.34 -8.43 -27.33
CA TYR A 317 -26.27 -7.32 -27.56
C TYR A 317 -25.67 -5.97 -27.20
N ASP A 326 -22.49 -1.05 -33.68
CA ASP A 326 -22.39 -2.20 -32.77
C ASP A 326 -21.39 -2.01 -31.61
N ALA A 327 -21.32 -2.99 -30.72
CA ALA A 327 -20.43 -2.93 -29.56
C ALA A 327 -19.01 -2.62 -30.01
N LEU A 328 -18.57 -3.33 -31.04
CA LEU A 328 -17.21 -3.21 -31.51
C LEU A 328 -16.94 -1.83 -32.08
N ASP A 329 -17.94 -1.24 -32.72
CA ASP A 329 -17.76 0.06 -33.34
C ASP A 329 -17.75 1.19 -32.29
N ILE A 330 -18.63 1.10 -31.31
CA ILE A 330 -18.67 2.09 -30.24
C ILE A 330 -17.32 2.18 -29.55
N MET A 331 -16.78 1.01 -29.17
CA MET A 331 -15.52 0.96 -28.43
C MET A 331 -14.37 1.45 -29.29
N MET A 332 -14.26 0.90 -30.49
CA MET A 332 -13.16 1.24 -31.39
C MET A 332 -12.97 2.75 -31.51
N PHE A 333 -14.05 3.50 -31.35
CA PHE A 333 -13.97 4.95 -31.55
C PHE A 333 -14.30 5.76 -30.30
N HIS A 334 -14.31 5.10 -29.15
CA HIS A 334 -14.58 5.83 -27.91
C HIS A 334 -13.27 6.32 -27.31
N GLN A 335 -13.34 7.43 -26.58
CA GLN A 335 -12.13 8.01 -25.99
C GLN A 335 -11.39 7.01 -25.08
N PHE A 336 -12.15 6.17 -24.38
CA PHE A 336 -11.56 5.17 -23.49
C PHE A 336 -11.60 3.79 -24.14
N GLY A 337 -12.77 3.44 -24.65
CA GLY A 337 -13.00 2.15 -25.26
C GLY A 337 -11.92 1.73 -26.24
N ASN A 338 -11.32 2.70 -26.92
CA ASN A 338 -10.37 2.38 -27.98
C ASN A 338 -9.14 1.64 -27.46
N TYR A 339 -8.75 1.95 -26.23
CA TYR A 339 -7.62 1.27 -25.61
C TYR A 339 -7.96 -0.20 -25.40
N VAL A 340 -9.21 -0.49 -25.09
CA VAL A 340 -9.66 -1.86 -24.94
C VAL A 340 -9.54 -2.67 -26.24
N VAL A 341 -10.01 -2.10 -27.34
CA VAL A 341 -9.92 -2.76 -28.63
C VAL A 341 -8.47 -3.02 -28.99
N GLN A 342 -7.62 -2.02 -28.76
CA GLN A 342 -6.20 -2.16 -29.07
C GLN A 342 -5.63 -3.33 -28.32
N CYS A 343 -6.07 -3.45 -27.07
CA CYS A 343 -5.60 -4.49 -26.20
C CYS A 343 -6.11 -5.85 -26.71
N MET A 344 -7.38 -5.93 -27.07
CA MET A 344 -7.91 -7.13 -27.71
C MET A 344 -7.02 -7.50 -28.92
N LEU A 345 -6.73 -6.50 -29.74
CA LEU A 345 -5.96 -6.73 -30.96
C LEU A 345 -4.56 -7.26 -30.67
N THR A 346 -3.89 -6.63 -29.71
CA THR A 346 -2.53 -7.05 -29.39
C THR A 346 -2.55 -8.47 -28.85
N ILE A 347 -3.57 -8.78 -28.06
CA ILE A 347 -3.74 -10.14 -27.54
C ILE A 347 -3.86 -11.16 -28.68
N CYS A 348 -4.68 -10.88 -29.67
CA CYS A 348 -4.88 -11.84 -30.76
C CYS A 348 -3.65 -11.97 -31.64
N CYS A 349 -3.02 -10.84 -31.97
CA CYS A 349 -1.79 -10.89 -32.76
C CYS A 349 -0.70 -11.72 -32.07
N ASP A 350 -0.40 -11.37 -30.82
CA ASP A 350 0.59 -12.11 -30.04
C ASP A 350 0.29 -13.60 -30.06
N ALA A 351 -1.00 -13.93 -30.00
CA ALA A 351 -1.41 -15.34 -29.91
C ALA A 351 -1.05 -16.09 -31.19
N VAL A 352 -1.31 -15.43 -32.31
CA VAL A 352 -1.12 -16.07 -33.61
C VAL A 352 0.37 -16.20 -33.89
N SER A 353 1.15 -15.32 -33.27
CA SER A 353 2.57 -15.25 -33.56
C SER A 353 3.42 -15.89 -32.48
N GLY A 354 2.83 -16.77 -31.69
CA GLY A 354 3.61 -17.55 -30.74
C GLY A 354 4.02 -16.82 -29.47
N ARG A 355 3.75 -15.52 -29.39
CA ARG A 355 4.11 -14.74 -28.19
C ARG A 355 3.23 -15.04 -26.98
N ARG A 356 2.09 -15.67 -27.22
CA ARG A 356 1.09 -15.85 -26.17
C ARG A 356 0.55 -17.28 -26.16
N GLN A 357 0.59 -17.89 -25.00
CA GLN A 357 0.06 -19.24 -24.79
C GLN A 357 -1.39 -19.32 -25.25
N THR A 358 -1.68 -20.36 -26.03
CA THR A 358 -3.05 -20.59 -26.51
C THR A 358 -3.64 -21.91 -26.02
N LYS A 359 -2.88 -22.65 -25.20
CA LYS A 359 -3.37 -23.89 -24.60
C LYS A 359 -3.92 -23.69 -23.17
N GLU A 360 -4.95 -24.45 -22.84
CA GLU A 360 -5.52 -24.47 -21.50
C GLU A 360 -6.34 -25.74 -21.31
N GLY A 361 -6.14 -26.39 -20.16
CA GLY A 361 -6.93 -27.54 -19.77
C GLY A 361 -6.67 -28.75 -20.64
N GLY A 362 -5.57 -28.70 -21.39
CA GLY A 362 -5.21 -29.78 -22.29
C GLY A 362 -5.71 -29.53 -23.71
N TYR A 363 -6.27 -28.36 -23.96
CA TYR A 363 -6.80 -28.03 -25.29
C TYR A 363 -6.25 -26.73 -25.81
N ASP A 364 -6.01 -26.70 -27.11
CA ASP A 364 -5.54 -25.49 -27.75
C ASP A 364 -6.73 -24.62 -28.17
N HIS A 365 -6.69 -23.35 -27.84
CA HIS A 365 -7.72 -22.40 -28.29
C HIS A 365 -7.21 -21.57 -29.47
N ALA A 366 -6.13 -22.02 -30.11
CA ALA A 366 -5.61 -21.32 -31.29
C ALA A 366 -6.67 -20.92 -32.35
N ILE A 367 -7.57 -21.82 -32.75
CA ILE A 367 -8.60 -21.43 -33.75
C ILE A 367 -9.44 -20.24 -33.31
N SER A 368 -9.70 -20.16 -32.01
CA SER A 368 -10.53 -19.09 -31.45
C SER A 368 -9.81 -17.76 -31.60
N PHE A 369 -8.57 -17.74 -31.17
CA PHE A 369 -7.74 -16.56 -31.37
C PHE A 369 -7.70 -16.16 -32.84
N GLN A 370 -7.60 -17.15 -33.74
CA GLN A 370 -7.53 -16.83 -35.17
C GLN A 370 -8.87 -16.30 -35.72
N ASP A 371 -9.99 -16.78 -35.18
CA ASP A 371 -11.29 -16.20 -35.49
C ASP A 371 -11.40 -14.74 -35.00
N TRP A 372 -10.90 -14.48 -33.81
CA TRP A 372 -10.96 -13.13 -33.27
C TRP A 372 -10.12 -12.18 -34.11
N LEU A 373 -8.95 -12.64 -34.53
CA LEU A 373 -8.09 -11.82 -35.37
C LEU A 373 -8.73 -11.50 -36.73
N LYS A 374 -9.39 -12.49 -37.33
CA LYS A 374 -10.07 -12.29 -38.61
C LYS A 374 -11.13 -11.21 -38.49
N LYS A 375 -11.87 -11.28 -37.39
CA LYS A 375 -12.95 -10.32 -37.17
C LYS A 375 -12.35 -8.92 -37.07
N LEU A 376 -11.26 -8.81 -36.31
CA LEU A 376 -10.65 -7.52 -36.08
C LEU A 376 -10.04 -6.93 -37.37
N HIS A 377 -9.28 -7.75 -38.07
CA HIS A 377 -8.64 -7.34 -39.31
C HIS A 377 -9.69 -6.86 -40.29
N SER A 378 -10.74 -7.66 -40.44
CA SER A 378 -11.83 -7.34 -41.35
C SER A 378 -12.50 -6.00 -41.01
N ARG A 379 -12.69 -5.74 -39.72
CA ARG A 379 -13.27 -4.48 -39.30
C ARG A 379 -12.32 -3.32 -39.58
N VAL A 380 -11.06 -3.48 -39.19
CA VAL A 380 -10.07 -2.46 -39.42
C VAL A 380 -9.94 -2.11 -40.90
N THR A 381 -9.90 -3.15 -41.74
CA THR A 381 -9.86 -2.97 -43.18
C THR A 381 -10.99 -2.07 -43.70
N LYS A 382 -12.23 -2.44 -43.40
CA LYS A 382 -13.38 -1.64 -43.81
C LYS A 382 -13.46 -0.23 -43.19
N GLU A 383 -12.89 -0.05 -42.01
CA GLU A 383 -12.96 1.25 -41.33
C GLU A 383 -11.65 2.00 -41.44
N ARG A 384 -10.76 1.50 -42.29
CA ARG A 384 -9.40 2.03 -42.35
C ARG A 384 -9.32 3.56 -42.51
N HIS A 385 -9.97 4.08 -43.55
CA HIS A 385 -9.92 5.51 -43.88
C HIS A 385 -10.21 6.35 -42.65
N ARG A 386 -11.17 5.91 -41.86
CA ARG A 386 -11.59 6.64 -40.69
C ARG A 386 -10.63 6.45 -39.52
N LEU A 387 -10.10 5.23 -39.39
CA LEU A 387 -9.18 4.93 -38.30
C LEU A 387 -7.89 5.72 -38.44
N SER A 388 -7.49 5.97 -39.69
CA SER A 388 -6.29 6.73 -39.96
C SER A 388 -6.44 8.22 -39.61
N ARG A 389 -7.66 8.65 -39.30
CA ARG A 389 -7.90 10.01 -38.81
C ARG A 389 -7.45 10.16 -37.36
N PHE A 390 -7.24 9.04 -36.68
CA PHE A 390 -6.99 9.06 -35.25
C PHE A 390 -5.68 8.39 -34.85
N SER A 391 -5.16 8.81 -33.69
CA SER A 391 -3.96 8.21 -33.10
C SER A 391 -4.21 6.75 -32.73
N SER A 392 -5.32 6.52 -32.05
CA SER A 392 -5.67 5.16 -31.63
C SER A 392 -5.78 4.23 -32.83
N GLY A 393 -6.46 4.72 -33.87
CA GLY A 393 -6.69 3.99 -35.10
C GLY A 393 -5.41 3.72 -35.89
N LYS A 394 -4.48 4.67 -35.88
CA LYS A 394 -3.24 4.46 -36.61
C LYS A 394 -2.40 3.39 -35.92
N LYS A 395 -2.58 3.28 -34.60
CA LYS A 395 -1.88 2.23 -33.85
C LYS A 395 -2.44 0.83 -34.18
N MET A 396 -3.76 0.72 -34.29
CA MET A 396 -4.35 -0.57 -34.64
C MET A 396 -3.84 -0.99 -36.00
N ILE A 397 -3.81 -0.06 -36.93
CA ILE A 397 -3.36 -0.32 -38.31
C ILE A 397 -1.92 -0.81 -38.34
N GLU A 398 -1.07 -0.20 -37.50
CA GLU A 398 0.32 -0.63 -37.39
C GLU A 398 0.42 -2.02 -36.78
N THR A 399 -0.30 -2.26 -35.69
CA THR A 399 -0.31 -3.59 -35.08
C THR A 399 -0.63 -4.66 -36.14
N LEU A 400 -1.52 -4.33 -37.06
CA LEU A 400 -1.90 -5.29 -38.08
C LEU A 400 -0.83 -5.40 -39.16
N ALA A 401 -0.21 -4.25 -39.47
CA ALA A 401 0.85 -4.21 -40.46
C ALA A 401 2.09 -4.98 -39.99
N ASN A 402 2.30 -5.02 -38.68
CA ASN A 402 3.45 -5.71 -38.11
C ASN A 402 3.26 -7.22 -38.01
N LEU A 403 2.03 -7.67 -38.22
CA LEU A 403 1.76 -9.10 -38.31
C LEU A 403 2.29 -9.58 -39.64
N ARG A 404 2.02 -8.79 -40.68
CA ARG A 404 2.47 -9.11 -42.03
C ARG A 404 3.98 -8.82 -42.19
N SER A 405 4.63 -8.43 -41.11
CA SER A 405 6.09 -8.36 -41.08
C SER A 405 6.63 -9.65 -40.46
#